data_4Z2K
#
_entry.id   4Z2K
#
_cell.length_a   97.740
_cell.length_b   97.740
_cell.length_c   197.030
_cell.angle_alpha   90.00
_cell.angle_beta   90.00
_cell.angle_gamma   90.00
#
_symmetry.space_group_name_H-M   'P 43 21 2'
#
loop_
_entity.id
_entity.type
_entity.pdbx_description
1 polymer 'Chitinase B'
2 non-polymer "(1R,2R,3R,6R,7S,8S,9R,10R,12R,13S,17S)-3-ethyl-2,10-dihydroxy-2,6,8,10,12,15,15,17-octamethyl-5-oxo-9-(prop-2-yn-1-yloxy)-4,14,16-trioxabicyclo[11.3.1]heptadec-7-yl {7-[N'-(methylcarbamoyl)carbamimidamido]heptyl}carbamate"
3 non-polymer GLYCEROL
4 water water
#
_entity_poly.entity_id   1
_entity_poly.type   'polypeptide(L)'
_entity_poly.pdbx_seq_one_letter_code
;DPSSRSTRKAVIGYYFIPTNQINNYTETDTSVVPFPVSNITPAKAKQLTHINFSFLDINSNLECAWDPATNDAKARDVVN
RLTALKAHNPSLRIMFSIGGWYYSNDLGVSHANYVNAVKTPAARTKFAQSCVRIMKDYGFDGVDIDWEYPQAAEVDGFIA
ALQEIRTLLNQQTIADGRQALPYQLTIAGAGGAFFLSRYYSKLAQIVAPLDYINLMTYDLAGPWEKITNHQAALFGDAAG
PTFYNALREANLGWSWEELTRAFPSPFSLTVDAAVQQHLMMEGVPSAKIVMGVPFYGRAFKGVSGGNGGQYSSHSTPGED
PYPNADYWLVGCDECVRDKDPRIASYRQLEQMLQGNYGYQRLWNDKTKTPYLYHAQNGLFVTYDDAESFKYKAKYIKQQQ
LGGVMFWHLGQDNRNGDLLAALDRYFNAADYDDSQLDMGTGLRYTGVGPGNLPIMTAPAYVPGTTYAQGALVSYQGYVWQ
TKWGYITSAPGSDSAWLKVGRLA
;
_entity_poly.pdbx_strand_id   A
#
# COMPACT_ATOMS: atom_id res chain seq x y z
N SER A 6 -6.96 21.78 -1.32
CA SER A 6 -5.81 21.60 -0.40
C SER A 6 -6.26 21.10 0.99
N THR A 7 -7.11 20.06 1.03
CA THR A 7 -7.19 19.15 2.20
C THR A 7 -5.84 18.51 2.50
N ARG A 8 -5.52 18.37 3.79
CA ARG A 8 -4.23 17.83 4.22
C ARG A 8 -4.07 16.38 3.75
N LYS A 9 -2.98 16.05 3.06
CA LYS A 9 -2.65 14.63 2.77
C LYS A 9 -2.44 13.80 4.05
N ALA A 10 -3.01 12.61 4.07
CA ALA A 10 -2.75 11.70 5.20
C ALA A 10 -1.31 11.25 5.13
N VAL A 11 -0.70 11.10 6.29
CA VAL A 11 0.64 10.58 6.41
C VAL A 11 0.59 9.51 7.48
N ILE A 12 0.61 8.25 7.04
CA ILE A 12 0.24 7.13 7.91
C ILE A 12 1.44 6.22 8.16
N GLY A 13 1.88 6.16 9.41
CA GLY A 13 3.06 5.45 9.78
C GLY A 13 2.75 4.27 10.68
N TYR A 14 3.20 3.07 10.28
CA TYR A 14 3.09 1.92 11.16
C TYR A 14 4.12 2.01 12.28
N TYR A 15 3.64 1.70 13.49
CA TYR A 15 4.47 1.44 14.66
C TYR A 15 4.28 -0.05 15.01
N PHE A 16 5.31 -0.82 14.76
CA PHE A 16 5.29 -2.25 15.02
C PHE A 16 6.13 -2.58 16.24
N ILE A 17 5.55 -3.28 17.22
CA ILE A 17 6.34 -3.70 18.33
C ILE A 17 5.96 -5.10 18.69
N PRO A 18 6.95 -6.00 18.75
CA PRO A 18 6.58 -7.39 19.04
C PRO A 18 6.24 -7.66 20.53
N THR A 19 5.51 -8.74 20.76
CA THR A 19 5.09 -9.06 22.11
C THR A 19 6.25 -9.08 23.13
N ASN A 20 7.35 -9.77 22.81
CA ASN A 20 8.52 -9.78 23.70
C ASN A 20 8.98 -8.38 24.05
N GLN A 21 8.92 -7.44 23.11
CA GLN A 21 9.31 -6.06 23.44
C GLN A 21 8.31 -5.30 24.29
N ILE A 22 7.02 -5.58 24.10
CA ILE A 22 5.98 -5.01 24.98
C ILE A 22 6.21 -5.50 26.39
N ASN A 23 6.46 -6.78 26.52
CA ASN A 23 6.54 -7.44 27.80
C ASN A 23 7.79 -7.04 28.54
N ASN A 24 8.81 -6.60 27.81
CA ASN A 24 10.04 -6.07 28.43
C ASN A 24 10.25 -4.60 28.15
N TYR A 25 9.15 -3.86 28.01
CA TYR A 25 9.23 -2.53 27.43
C TYR A 25 10.17 -1.66 28.24
N THR A 26 11.03 -0.91 27.54
CA THR A 26 11.86 0.11 28.19
C THR A 26 12.26 1.19 27.17
N GLU A 27 12.49 2.42 27.64
CA GLU A 27 12.92 3.48 26.76
C GLU A 27 14.40 3.80 26.84
N THR A 28 15.17 2.98 27.54
CA THR A 28 16.56 3.30 27.73
C THR A 28 17.48 2.14 27.43
N ASP A 29 17.03 1.15 26.64
CA ASP A 29 17.93 0.07 26.22
C ASP A 29 17.55 -0.44 24.83
N THR A 30 18.28 0.03 23.81
CA THR A 30 17.86 -0.26 22.46
C THR A 30 18.16 -1.68 22.05
N SER A 31 18.93 -2.38 22.87
CA SER A 31 19.11 -3.80 22.61
C SER A 31 17.90 -4.60 23.09
N VAL A 32 17.01 -4.02 23.88
CA VAL A 32 15.73 -4.70 24.22
C VAL A 32 14.55 -4.15 23.41
N VAL A 33 14.41 -2.83 23.41
CA VAL A 33 13.51 -2.15 22.50
C VAL A 33 14.26 -1.16 21.63
N PRO A 34 14.52 -1.52 20.38
CA PRO A 34 15.27 -0.62 19.51
C PRO A 34 14.56 0.68 19.26
N PHE A 35 13.23 0.69 19.27
CA PHE A 35 12.52 1.91 18.86
C PHE A 35 11.32 2.19 19.75
N PRO A 36 11.60 2.75 20.93
CA PRO A 36 10.59 3.10 21.93
C PRO A 36 9.75 4.29 21.47
N VAL A 37 8.56 4.38 22.04
CA VAL A 37 7.65 5.48 21.72
C VAL A 37 8.31 6.85 21.86
N SER A 38 9.25 7.00 22.78
CA SER A 38 9.90 8.30 22.97
C SER A 38 10.74 8.72 21.80
N ASN A 39 11.06 7.82 20.88
CA ASN A 39 11.79 8.24 19.68
C ASN A 39 10.91 9.01 18.73
N ILE A 40 9.59 8.89 18.91
CA ILE A 40 8.64 9.71 18.18
C ILE A 40 8.52 11.07 18.89
N THR A 41 9.31 12.03 18.44
CA THR A 41 9.37 13.34 19.09
C THR A 41 8.14 14.13 18.68
N PRO A 42 7.90 15.25 19.37
CA PRO A 42 6.80 16.18 19.05
C PRO A 42 6.80 16.61 17.58
N ALA A 43 7.98 16.86 17.03
CA ALA A 43 8.15 17.26 15.65
C ALA A 43 7.69 16.15 14.69
N LYS A 44 8.01 14.90 15.03
CA LYS A 44 7.52 13.74 14.26
C LYS A 44 6.04 13.53 14.40
N ALA A 45 5.54 13.64 15.62
CA ALA A 45 4.12 13.63 15.89
C ALA A 45 3.34 14.64 15.03
N LYS A 46 3.93 15.82 14.84
CA LYS A 46 3.24 16.82 14.05
C LYS A 46 3.23 16.47 12.57
N GLN A 47 4.23 15.72 12.11
CA GLN A 47 4.38 15.40 10.71
C GLN A 47 3.48 14.22 10.30
N LEU A 48 3.08 13.42 11.27
CA LEU A 48 2.19 12.28 11.09
C LEU A 48 0.73 12.71 11.17
N THR A 49 -0.15 12.08 10.37
CA THR A 49 -1.59 12.17 10.65
C THR A 49 -2.14 10.95 11.35
N HIS A 50 -1.53 9.79 11.11
CA HIS A 50 -1.96 8.57 11.73
C HIS A 50 -0.75 7.72 12.14
N ILE A 51 -0.88 7.05 13.26
CA ILE A 51 0.04 6.01 13.60
C ILE A 51 -0.73 4.71 13.71
N ASN A 52 -0.27 3.69 13.01
CA ASN A 52 -0.96 2.40 13.05
C ASN A 52 -0.21 1.49 13.98
N PHE A 53 -0.66 1.40 15.23
CA PHE A 53 -0.10 0.43 16.16
C PHE A 53 -0.37 -1.00 15.68
N SER A 54 0.67 -1.82 15.58
CA SER A 54 0.57 -3.15 15.03
C SER A 54 1.36 -4.19 15.86
N PHE A 55 0.89 -5.45 15.95
CA PHE A 55 -0.35 -5.98 15.35
C PHE A 55 -1.18 -6.64 16.45
N LEU A 56 -2.49 -6.36 16.47
CA LEU A 56 -3.41 -7.25 17.15
C LEU A 56 -3.84 -8.37 16.22
N ASP A 57 -4.63 -9.29 16.75
CA ASP A 57 -4.95 -10.50 16.01
C ASP A 57 -6.43 -10.80 16.13
N ILE A 58 -6.89 -11.84 15.45
CA ILE A 58 -8.17 -12.46 15.79
C ILE A 58 -7.94 -13.86 16.40
N ASN A 59 -8.48 -14.08 17.59
CA ASN A 59 -8.30 -15.32 18.36
C ASN A 59 -9.33 -16.39 17.99
N SER A 60 -9.31 -17.55 18.67
CA SER A 60 -10.15 -18.67 18.21
C SER A 60 -11.55 -18.53 18.73
N ASN A 61 -11.79 -17.54 19.61
CA ASN A 61 -13.14 -17.07 19.85
C ASN A 61 -13.70 -16.17 18.75
N LEU A 62 -12.91 -15.91 17.72
CA LEU A 62 -13.34 -15.08 16.59
C LEU A 62 -13.59 -13.65 17.04
N GLU A 63 -12.73 -13.19 17.95
CA GLU A 63 -12.75 -11.80 18.39
C GLU A 63 -11.40 -11.17 18.17
N CYS A 64 -11.40 -9.85 18.04
CA CYS A 64 -10.16 -9.09 18.04
C CYS A 64 -9.52 -9.20 19.42
N ALA A 65 -8.24 -9.51 19.44
CA ALA A 65 -7.52 -9.79 20.71
C ALA A 65 -6.03 -9.53 20.55
N TRP A 66 -5.40 -9.16 21.64
CA TRP A 66 -3.96 -9.11 21.73
C TRP A 66 -3.46 -10.52 21.67
N ASP A 67 -2.23 -10.72 21.21
CA ASP A 67 -1.55 -11.98 21.40
C ASP A 67 -1.67 -12.36 22.89
N PRO A 68 -2.15 -13.60 23.15
CA PRO A 68 -2.42 -13.95 24.57
C PRO A 68 -1.18 -13.99 25.46
N ALA A 69 0.03 -14.06 24.90
CA ALA A 69 1.25 -13.94 25.71
C ALA A 69 1.50 -12.50 26.14
N THR A 70 0.61 -11.58 25.80
CA THR A 70 0.93 -10.17 26.02
C THR A 70 0.71 -9.80 27.48
N ASN A 71 1.63 -9.08 28.09
CA ASN A 71 1.35 -8.49 29.39
C ASN A 71 0.43 -7.28 29.26
N ASP A 72 -0.78 -7.41 29.77
CA ASP A 72 -1.77 -6.34 29.61
C ASP A 72 -1.41 -4.97 30.21
N ALA A 73 -0.78 -4.92 31.38
CA ALA A 73 -0.41 -3.59 31.94
C ALA A 73 0.67 -2.91 31.07
N LYS A 74 1.62 -3.69 30.57
CA LYS A 74 2.68 -3.14 29.74
C LYS A 74 2.10 -2.68 28.40
N ALA A 75 1.19 -3.47 27.84
CA ALA A 75 0.51 -3.09 26.62
C ALA A 75 -0.22 -1.76 26.78
N ARG A 76 -0.99 -1.62 27.85
CA ARG A 76 -1.72 -0.35 28.07
C ARG A 76 -0.78 0.81 28.18
N ASP A 77 0.35 0.56 28.82
CA ASP A 77 1.32 1.61 29.07
C ASP A 77 1.99 2.11 27.76
N VAL A 78 2.36 1.19 26.89
CA VAL A 78 2.92 1.53 25.57
C VAL A 78 1.88 2.33 24.76
N VAL A 79 0.64 1.84 24.75
CA VAL A 79 -0.42 2.53 24.03
C VAL A 79 -0.73 3.91 24.59
N ASN A 80 -0.77 4.04 25.91
CA ASN A 80 -0.87 5.38 26.54
C ASN A 80 0.26 6.33 26.16
N ARG A 81 1.47 5.82 25.95
CA ARG A 81 2.54 6.71 25.52
C ARG A 81 2.30 7.23 24.11
N LEU A 82 1.71 6.42 23.26
CA LEU A 82 1.38 6.84 21.90
C LEU A 82 0.21 7.82 21.91
N THR A 83 -0.85 7.51 22.66
CA THR A 83 -1.99 8.43 22.67
C THR A 83 -1.65 9.77 23.33
N ALA A 84 -0.70 9.78 24.28
CA ALA A 84 -0.20 11.06 24.82
C ALA A 84 0.41 11.94 23.74
N LEU A 85 0.95 11.34 22.68
CA LEU A 85 1.48 12.16 21.58
C LEU A 85 0.46 13.11 20.98
N LYS A 86 -0.83 12.79 21.14
CA LYS A 86 -1.89 13.60 20.54
C LYS A 86 -1.92 15.04 21.10
N ALA A 87 -1.35 15.20 22.29
CA ALA A 87 -1.10 16.54 22.87
C ALA A 87 -0.32 17.47 21.94
N HIS A 88 0.57 16.93 21.10
CA HIS A 88 1.34 17.80 20.19
C HIS A 88 0.68 18.04 18.85
N ASN A 89 -0.44 17.37 18.61
CA ASN A 89 -1.06 17.39 17.29
C ASN A 89 -2.50 16.91 17.33
N PRO A 90 -3.44 17.86 17.31
CA PRO A 90 -4.84 17.52 17.49
C PRO A 90 -5.45 16.86 16.27
N SER A 91 -4.72 16.77 15.16
CA SER A 91 -5.14 15.94 14.05
C SER A 91 -4.71 14.47 14.14
N LEU A 92 -3.82 14.16 15.07
CA LEU A 92 -3.14 12.86 15.05
C LEU A 92 -4.08 11.76 15.59
N ARG A 93 -4.11 10.62 14.90
CA ARG A 93 -4.81 9.43 15.39
C ARG A 93 -3.87 8.27 15.65
N ILE A 94 -4.10 7.56 16.74
CA ILE A 94 -3.43 6.29 16.97
C ILE A 94 -4.44 5.16 16.64
N MET A 95 -4.32 4.62 15.44
CA MET A 95 -5.10 3.45 15.04
C MET A 95 -4.46 2.21 15.63
N PHE A 96 -5.20 1.11 15.62
CA PHE A 96 -4.58 -0.17 15.74
C PHE A 96 -4.88 -1.04 14.55
N SER A 97 -3.91 -1.93 14.22
CA SER A 97 -4.03 -2.89 13.12
C SER A 97 -4.21 -4.30 13.59
N ILE A 98 -5.13 -4.98 12.89
CA ILE A 98 -5.43 -6.38 13.13
C ILE A 98 -4.95 -7.16 11.92
N GLY A 99 -4.06 -8.09 12.17
CA GLY A 99 -3.58 -8.95 11.08
C GLY A 99 -2.10 -8.90 10.88
N GLY A 100 -1.68 -8.50 9.69
CA GLY A 100 -0.29 -8.69 9.28
C GLY A 100 -0.07 -10.06 8.65
N TRP A 101 1.07 -10.19 7.98
CA TRP A 101 1.41 -11.37 7.18
C TRP A 101 1.47 -12.61 8.07
N TYR A 102 2.20 -12.50 9.18
CA TYR A 102 2.41 -13.61 10.07
C TYR A 102 1.11 -14.24 10.58
N TYR A 103 0.20 -13.41 11.10
CA TYR A 103 -1.08 -13.87 11.58
C TYR A 103 -2.03 -14.35 10.47
N SER A 104 -2.08 -13.62 9.35
CA SER A 104 -3.23 -13.67 8.44
C SER A 104 -2.99 -14.22 7.04
N ASN A 105 -1.77 -14.60 6.72
CA ASN A 105 -1.50 -15.12 5.36
C ASN A 105 -2.14 -16.47 5.26
N ASP A 106 -2.38 -16.92 4.04
CA ASP A 106 -3.12 -18.21 3.82
C ASP A 106 -2.60 -19.36 4.67
N LEU A 107 -1.31 -19.37 5.03
CA LEU A 107 -0.79 -20.41 5.92
C LEU A 107 -0.39 -19.85 7.27
N GLY A 108 -0.88 -18.68 7.60
CA GLY A 108 -0.50 -18.02 8.84
C GLY A 108 -1.13 -18.68 10.03
N VAL A 109 -0.60 -18.36 11.20
CA VAL A 109 -1.00 -19.07 12.42
C VAL A 109 -2.46 -18.84 12.87
N SER A 110 -3.06 -17.72 12.50
CA SER A 110 -4.42 -17.41 12.94
C SER A 110 -5.41 -17.42 11.77
N HIS A 111 -5.01 -17.97 10.63
CA HIS A 111 -5.72 -17.68 9.38
C HIS A 111 -7.20 -18.06 9.40
N ALA A 112 -7.49 -19.20 10.01
CA ALA A 112 -8.83 -19.76 9.99
C ALA A 112 -9.77 -18.85 10.84
N ASN A 113 -9.20 -18.18 11.85
CA ASN A 113 -9.95 -17.20 12.62
C ASN A 113 -10.46 -16.01 11.80
N TYR A 114 -9.67 -15.55 10.82
CA TYR A 114 -10.11 -14.46 9.94
C TYR A 114 -11.27 -14.96 9.09
N VAL A 115 -11.08 -16.13 8.49
CA VAL A 115 -12.11 -16.73 7.64
C VAL A 115 -13.41 -16.92 8.42
N ASN A 116 -13.30 -17.43 9.65
CA ASN A 116 -14.48 -17.74 10.41
C ASN A 116 -15.10 -16.50 11.05
N ALA A 117 -14.27 -15.55 11.47
CA ALA A 117 -14.81 -14.30 12.00
C ALA A 117 -15.77 -13.59 11.05
N VAL A 118 -15.60 -13.75 9.73
CA VAL A 118 -16.40 -12.94 8.81
C VAL A 118 -17.45 -13.76 8.09
N LYS A 119 -17.55 -15.03 8.45
CA LYS A 119 -18.25 -16.01 7.67
C LYS A 119 -19.77 -15.91 7.75
N THR A 120 -20.28 -15.51 8.91
CA THR A 120 -21.74 -15.47 9.11
C THR A 120 -22.15 -14.17 9.79
N PRO A 121 -23.45 -13.85 9.69
CA PRO A 121 -23.95 -12.64 10.34
C PRO A 121 -23.58 -12.54 11.79
N ALA A 122 -23.82 -13.60 12.56
CA ALA A 122 -23.57 -13.57 13.99
C ALA A 122 -22.10 -13.46 14.31
N ALA A 123 -21.27 -14.16 13.53
CA ALA A 123 -19.83 -14.08 13.75
C ALA A 123 -19.34 -12.64 13.47
N ARG A 124 -19.84 -12.04 12.39
CA ARG A 124 -19.47 -10.66 12.08
C ARG A 124 -19.85 -9.67 13.18
N THR A 125 -21.00 -9.91 13.81
CA THR A 125 -21.52 -9.00 14.83
C THR A 125 -20.58 -9.06 16.01
N LYS A 126 -20.29 -10.29 16.40
CA LYS A 126 -19.36 -10.50 17.48
C LYS A 126 -17.96 -9.91 17.19
N PHE A 127 -17.42 -10.19 16.00
CA PHE A 127 -16.11 -9.64 15.63
C PHE A 127 -16.10 -8.09 15.66
N ALA A 128 -17.06 -7.51 14.97
CA ALA A 128 -17.17 -6.05 14.88
C ALA A 128 -17.27 -5.44 16.27
N GLN A 129 -18.09 -6.02 17.11
CA GLN A 129 -18.18 -5.52 18.49
C GLN A 129 -16.83 -5.61 19.21
N SER A 130 -16.14 -6.74 19.04
CA SER A 130 -14.82 -6.85 19.69
C SER A 130 -13.88 -5.74 19.23
N CYS A 131 -13.85 -5.41 17.94
CA CYS A 131 -12.98 -4.32 17.44
C CYS A 131 -13.24 -2.95 18.11
N VAL A 132 -14.50 -2.56 18.22
CA VAL A 132 -14.81 -1.31 18.79
C VAL A 132 -14.53 -1.35 20.27
N ARG A 133 -14.76 -2.50 20.88
CA ARG A 133 -14.54 -2.60 22.31
C ARG A 133 -13.03 -2.51 22.64
N ILE A 134 -12.20 -3.19 21.83
CA ILE A 134 -10.76 -3.06 22.02
C ILE A 134 -10.37 -1.60 21.79
N MET A 135 -10.95 -0.99 20.78
CA MET A 135 -10.62 0.40 20.48
C MET A 135 -10.89 1.33 21.67
N LYS A 136 -12.04 1.14 22.32
CA LYS A 136 -12.43 2.01 23.43
C LYS A 136 -11.67 1.62 24.70
N ASP A 137 -11.48 0.35 24.95
CA ASP A 137 -10.74 -0.06 26.11
C ASP A 137 -9.29 0.51 26.14
N TYR A 138 -8.61 0.59 25.02
CA TYR A 138 -7.17 0.92 25.04
C TYR A 138 -6.92 2.34 24.61
N GLY A 139 -7.98 3.00 24.14
CA GLY A 139 -7.88 4.43 23.78
C GLY A 139 -7.43 4.72 22.35
N PHE A 140 -7.56 3.74 21.46
CA PHE A 140 -7.24 3.95 20.07
C PHE A 140 -8.27 4.85 19.39
N ASP A 141 -7.94 5.32 18.19
CA ASP A 141 -8.77 6.28 17.44
C ASP A 141 -9.40 5.70 16.17
N GLY A 142 -9.28 4.39 16.02
CA GLY A 142 -9.79 3.71 14.84
C GLY A 142 -9.15 2.36 14.59
N VAL A 143 -9.66 1.72 13.55
CA VAL A 143 -9.39 0.32 13.29
C VAL A 143 -8.84 0.15 11.89
N ASP A 144 -7.73 -0.53 11.79
CA ASP A 144 -7.09 -0.90 10.53
C ASP A 144 -7.08 -2.41 10.39
N ILE A 145 -7.50 -2.92 9.23
CA ILE A 145 -7.48 -4.37 9.01
C ILE A 145 -6.48 -4.71 7.96
N ASP A 146 -5.59 -5.64 8.32
CA ASP A 146 -4.46 -6.00 7.47
C ASP A 146 -4.48 -7.51 7.26
N TRP A 147 -5.56 -7.97 6.68
CA TRP A 147 -5.70 -9.36 6.31
C TRP A 147 -5.12 -9.57 4.92
N GLU A 148 -4.09 -10.41 4.86
CA GLU A 148 -3.39 -10.64 3.61
C GLU A 148 -3.54 -12.09 3.12
N TYR A 149 -4.64 -12.49 2.46
CA TYR A 149 -5.74 -11.64 1.97
C TYR A 149 -6.99 -12.50 1.92
N PRO A 150 -8.18 -11.89 2.05
CA PRO A 150 -9.39 -12.69 1.81
C PRO A 150 -9.43 -13.20 0.38
N GLN A 151 -9.87 -14.42 0.17
CA GLN A 151 -9.93 -15.04 -1.16
C GLN A 151 -11.34 -14.88 -1.63
N ALA A 152 -11.56 -14.99 -2.95
CA ALA A 152 -12.78 -14.50 -3.59
C ALA A 152 -14.05 -15.00 -2.87
N ALA A 153 -14.02 -16.23 -2.40
CA ALA A 153 -15.15 -16.80 -1.65
C ALA A 153 -15.52 -16.09 -0.34
N GLU A 154 -14.55 -15.41 0.26
CA GLU A 154 -14.61 -14.89 1.64
C GLU A 154 -14.86 -13.40 1.57
N VAL A 155 -14.83 -12.88 0.34
CA VAL A 155 -14.85 -11.47 0.11
C VAL A 155 -16.21 -10.86 0.53
N ASP A 156 -17.31 -11.55 0.26
CA ASP A 156 -18.64 -11.01 0.65
C ASP A 156 -18.76 -10.88 2.17
N GLY A 157 -18.18 -11.82 2.91
CA GLY A 157 -18.16 -11.76 4.37
C GLY A 157 -17.30 -10.60 4.86
N PHE A 158 -16.15 -10.43 4.24
CA PHE A 158 -15.18 -9.40 4.61
C PHE A 158 -15.81 -8.00 4.46
N ILE A 159 -16.39 -7.77 3.28
CA ILE A 159 -17.20 -6.59 3.00
C ILE A 159 -18.26 -6.32 4.10
N ALA A 160 -19.11 -7.31 4.34
CA ALA A 160 -20.12 -7.22 5.38
C ALA A 160 -19.52 -6.90 6.75
N ALA A 161 -18.34 -7.47 7.02
CA ALA A 161 -17.66 -7.20 8.26
C ALA A 161 -17.21 -5.75 8.35
N LEU A 162 -16.67 -5.20 7.25
CA LEU A 162 -16.27 -3.80 7.28
C LEU A 162 -17.51 -2.88 7.45
N GLN A 163 -18.61 -3.20 6.76
CA GLN A 163 -19.82 -2.37 6.82
C GLN A 163 -20.26 -2.34 8.26
N GLU A 164 -20.26 -3.49 8.93
CA GLU A 164 -20.74 -3.54 10.29
C GLU A 164 -19.81 -2.79 11.26
N ILE A 165 -18.50 -2.94 11.09
CA ILE A 165 -17.58 -2.15 11.89
C ILE A 165 -17.81 -0.64 11.69
N ARG A 166 -18.01 -0.23 10.45
CA ARG A 166 -18.26 1.18 10.16
C ARG A 166 -19.47 1.69 10.96
N THR A 167 -20.56 0.93 10.97
CA THR A 167 -21.75 1.41 11.65
C THR A 167 -21.45 1.55 13.12
N LEU A 168 -20.68 0.62 13.68
CA LEU A 168 -20.41 0.68 15.12
C LEU A 168 -19.46 1.82 15.48
N LEU A 169 -18.49 2.06 14.60
CA LEU A 169 -17.59 3.22 14.72
C LEU A 169 -18.39 4.51 14.66
N ASN A 170 -19.34 4.59 13.72
CA ASN A 170 -20.18 5.77 13.65
C ASN A 170 -21.02 5.98 14.93
N GLN A 171 -21.48 4.91 15.55
CA GLN A 171 -22.27 5.08 16.78
C GLN A 171 -21.38 5.63 17.85
N GLN A 172 -20.16 5.11 17.89
CA GLN A 172 -19.20 5.46 18.90
C GLN A 172 -18.78 6.91 18.78
N THR A 173 -18.62 7.39 17.55
CA THR A 173 -18.21 8.75 17.30
C THR A 173 -19.32 9.67 17.83
N ILE A 174 -20.58 9.29 17.61
CA ILE A 174 -21.69 10.08 18.14
C ILE A 174 -21.72 10.05 19.68
N ALA A 175 -21.58 8.85 20.26
CA ALA A 175 -21.62 8.72 21.70
C ALA A 175 -20.54 9.55 22.40
N ASP A 176 -19.38 9.70 21.77
CA ASP A 176 -18.25 10.44 22.33
C ASP A 176 -18.13 11.86 21.81
N GLY A 177 -19.06 12.28 20.97
CA GLY A 177 -18.98 13.61 20.40
C GLY A 177 -17.65 13.87 19.73
N ARG A 178 -17.19 12.93 18.89
CA ARG A 178 -15.88 13.02 18.26
C ARG A 178 -15.98 13.47 16.81
N GLN A 179 -17.01 14.24 16.48
CA GLN A 179 -17.16 14.71 15.09
C GLN A 179 -15.95 15.53 14.58
N ALA A 180 -15.17 16.08 15.49
CA ALA A 180 -13.99 16.85 15.10
C ALA A 180 -12.87 15.91 14.68
N LEU A 181 -12.92 14.67 15.16
CA LEU A 181 -11.88 13.66 14.83
C LEU A 181 -12.52 12.26 14.88
N PRO A 182 -13.37 11.99 13.88
CA PRO A 182 -14.20 10.81 14.00
C PRO A 182 -13.40 9.52 13.94
N TYR A 183 -13.88 8.51 14.64
CA TYR A 183 -13.23 7.22 14.55
C TYR A 183 -13.21 6.69 13.11
N GLN A 184 -12.09 6.08 12.75
CA GLN A 184 -11.87 5.74 11.37
C GLN A 184 -11.68 4.26 11.13
N LEU A 185 -11.82 3.88 9.87
CA LEU A 185 -11.64 2.47 9.44
C LEU A 185 -10.84 2.49 8.14
N THR A 186 -9.73 1.79 8.17
CA THR A 186 -8.87 1.61 6.98
C THR A 186 -8.59 0.13 6.80
N ILE A 187 -8.10 -0.21 5.63
CA ILE A 187 -7.42 -1.48 5.42
C ILE A 187 -6.11 -1.27 4.68
N ALA A 188 -5.24 -2.25 4.86
CA ALA A 188 -4.01 -2.35 4.06
C ALA A 188 -4.40 -3.20 2.87
N GLY A 189 -4.36 -2.60 1.69
CA GLY A 189 -4.73 -3.28 0.46
C GLY A 189 -3.52 -3.83 -0.25
N ALA A 190 -3.75 -4.88 -1.03
CA ALA A 190 -2.79 -5.38 -1.99
C ALA A 190 -2.35 -4.26 -2.91
N GLY A 191 -1.07 -4.33 -3.28
CA GLY A 191 -0.43 -3.33 -4.14
C GLY A 191 0.06 -3.95 -5.42
N GLY A 192 -0.30 -5.20 -5.66
CA GLY A 192 0.03 -5.83 -6.91
C GLY A 192 -1.08 -6.73 -7.37
N ALA A 193 -1.18 -6.90 -8.68
CA ALA A 193 -2.38 -7.46 -9.28
C ALA A 193 -2.71 -8.90 -8.87
N PHE A 194 -1.69 -9.68 -8.50
CA PHE A 194 -1.95 -11.08 -8.18
C PHE A 194 -2.79 -11.25 -6.94
N PHE A 195 -2.43 -10.59 -5.85
CA PHE A 195 -3.31 -10.61 -4.68
C PHE A 195 -4.55 -9.74 -4.83
N LEU A 196 -4.39 -8.62 -5.52
CA LEU A 196 -5.51 -7.71 -5.71
C LEU A 196 -6.65 -8.44 -6.43
N SER A 197 -6.32 -9.39 -7.30
CA SER A 197 -7.33 -10.04 -8.09
C SER A 197 -8.29 -10.83 -7.25
N ARG A 198 -7.93 -11.13 -6.01
CA ARG A 198 -8.83 -11.90 -5.13
C ARG A 198 -10.12 -11.12 -4.81
N TYR A 199 -10.04 -9.80 -4.71
CA TYR A 199 -11.22 -9.04 -4.35
C TYR A 199 -11.46 -7.89 -5.32
N TYR A 200 -10.68 -7.80 -6.38
CA TYR A 200 -10.78 -6.65 -7.28
C TYR A 200 -12.20 -6.35 -7.82
N SER A 201 -12.96 -7.38 -8.20
CA SER A 201 -14.25 -7.16 -8.78
C SER A 201 -15.19 -6.51 -7.80
N LYS A 202 -14.90 -6.54 -6.52
CA LYS A 202 -15.80 -5.95 -5.55
C LYS A 202 -15.16 -4.80 -4.81
N LEU A 203 -14.17 -4.19 -5.48
CA LEU A 203 -13.41 -3.11 -4.88
C LEU A 203 -14.27 -1.93 -4.36
N ALA A 204 -15.26 -1.45 -5.11
CA ALA A 204 -16.07 -0.30 -4.66
C ALA A 204 -16.76 -0.63 -3.35
N GLN A 205 -17.20 -1.88 -3.19
CA GLN A 205 -17.85 -2.27 -1.94
C GLN A 205 -16.91 -2.30 -0.75
N ILE A 206 -15.66 -2.69 -1.00
CA ILE A 206 -14.66 -2.79 0.01
C ILE A 206 -14.26 -1.41 0.50
N VAL A 207 -14.07 -0.49 -0.45
CA VAL A 207 -13.59 0.83 -0.15
C VAL A 207 -14.72 1.69 0.46
N ALA A 208 -15.98 1.42 0.14
CA ALA A 208 -17.09 2.33 0.60
C ALA A 208 -17.10 2.61 2.11
N PRO A 209 -16.94 1.57 2.92
CA PRO A 209 -16.94 1.80 4.37
C PRO A 209 -15.67 2.39 4.94
N LEU A 210 -14.64 2.57 4.10
CA LEU A 210 -13.32 2.98 4.61
C LEU A 210 -13.12 4.48 4.51
N ASP A 211 -12.35 5.03 5.41
CA ASP A 211 -11.78 6.34 5.21
C ASP A 211 -10.62 6.26 4.22
N TYR A 212 -9.81 5.20 4.31
CA TYR A 212 -8.77 4.98 3.30
C TYR A 212 -8.46 3.51 3.08
N ILE A 213 -7.95 3.25 1.90
CA ILE A 213 -7.36 1.99 1.56
C ILE A 213 -5.89 2.25 1.31
N ASN A 214 -5.05 1.71 2.17
CA ASN A 214 -3.61 1.96 2.18
C ASN A 214 -2.92 0.90 1.34
N LEU A 215 -2.56 1.28 0.11
CA LEU A 215 -2.03 0.30 -0.81
C LEU A 215 -0.63 -0.10 -0.40
N MET A 216 -0.41 -1.40 -0.31
CA MET A 216 0.92 -1.96 -0.05
C MET A 216 1.72 -1.99 -1.32
N THR A 217 2.10 -0.80 -1.77
CA THR A 217 2.81 -0.64 -3.04
C THR A 217 4.32 -0.70 -2.81
N TYR A 218 4.73 -1.84 -2.27
CA TYR A 218 6.09 -2.15 -1.99
C TYR A 218 6.15 -3.68 -1.87
N ASP A 219 7.32 -4.29 -1.68
CA ASP A 219 7.43 -5.74 -1.79
C ASP A 219 6.93 -6.21 -3.15
N LEU A 220 7.06 -5.37 -4.16
CA LEU A 220 6.75 -5.81 -5.50
C LEU A 220 7.91 -6.59 -6.13
N ALA A 221 8.96 -6.80 -5.37
CA ALA A 221 10.06 -7.68 -5.75
C ALA A 221 10.60 -8.27 -4.47
N GLY A 222 11.23 -9.42 -4.59
CA GLY A 222 11.74 -10.10 -3.42
C GLY A 222 12.35 -11.41 -3.85
N PRO A 223 12.84 -12.19 -2.88
CA PRO A 223 13.64 -13.38 -3.17
C PRO A 223 12.81 -14.50 -3.76
N TRP A 224 11.50 -14.39 -3.63
CA TRP A 224 10.60 -15.31 -4.30
C TRP A 224 10.52 -15.11 -5.80
N GLU A 225 11.06 -14.02 -6.35
CA GLU A 225 11.12 -13.89 -7.82
C GLU A 225 12.47 -14.40 -8.36
N LYS A 226 12.52 -14.77 -9.62
CA LYS A 226 13.67 -15.39 -10.23
C LYS A 226 14.73 -14.31 -10.51
N ILE A 227 14.25 -13.09 -10.73
CA ILE A 227 15.04 -11.98 -11.25
C ILE A 227 14.97 -10.79 -10.26
N THR A 228 16.11 -10.18 -9.96
CA THR A 228 16.09 -8.99 -9.13
C THR A 228 15.30 -7.93 -9.81
N ASN A 229 14.74 -7.04 -9.00
CA ASN A 229 13.99 -5.93 -9.52
C ASN A 229 13.76 -4.93 -8.40
N HIS A 230 13.26 -3.75 -8.73
CA HIS A 230 12.87 -2.73 -7.77
C HIS A 230 11.61 -3.13 -7.06
N GLN A 231 11.57 -2.97 -5.73
CA GLN A 231 10.40 -3.42 -4.97
C GLN A 231 9.25 -2.41 -5.00
N ALA A 232 9.52 -1.20 -5.49
CA ALA A 232 8.55 -0.09 -5.45
C ALA A 232 8.80 0.94 -6.55
N ALA A 233 8.99 0.45 -7.76
CA ALA A 233 9.20 1.33 -8.89
C ALA A 233 7.96 2.18 -9.06
N LEU A 234 8.13 3.47 -9.28
CA LEU A 234 6.97 4.33 -9.52
C LEU A 234 6.41 4.07 -10.92
N PHE A 235 7.30 4.03 -11.91
CA PHE A 235 6.89 3.78 -13.31
C PHE A 235 7.74 2.65 -13.85
N GLY A 236 7.43 2.11 -15.02
CA GLY A 236 8.09 0.90 -15.47
C GLY A 236 9.36 1.12 -16.27
N ASP A 237 10.22 0.12 -16.29
CA ASP A 237 11.46 0.16 -17.06
C ASP A 237 11.28 -0.95 -18.07
N ALA A 238 11.34 -0.62 -19.35
CA ALA A 238 11.21 -1.66 -20.38
C ALA A 238 12.35 -2.70 -20.35
N ALA A 239 13.46 -2.41 -19.72
CA ALA A 239 14.54 -3.39 -19.61
C ALA A 239 14.16 -4.42 -18.52
N GLY A 240 13.17 -4.07 -17.66
CA GLY A 240 12.88 -4.89 -16.50
C GLY A 240 11.86 -5.96 -16.83
N PRO A 241 11.62 -6.89 -15.91
CA PRO A 241 10.66 -7.94 -16.09
C PRO A 241 9.22 -7.40 -16.20
N THR A 242 8.35 -8.15 -16.85
CA THR A 242 6.94 -7.82 -16.85
C THR A 242 6.15 -9.02 -16.35
N PHE A 243 4.89 -8.80 -16.05
CA PHE A 243 4.05 -9.81 -15.42
C PHE A 243 2.70 -9.96 -16.10
N TYR A 244 2.17 -11.17 -16.03
CA TYR A 244 0.82 -11.46 -16.43
C TYR A 244 -0.13 -10.57 -15.63
N ASN A 245 -1.09 -9.93 -16.30
CA ASN A 245 -2.12 -9.12 -15.62
C ASN A 245 -3.31 -9.98 -15.22
N ALA A 246 -3.28 -10.49 -13.99
CA ALA A 246 -4.28 -11.39 -13.45
C ALA A 246 -5.69 -10.78 -13.34
N LEU A 247 -5.76 -9.47 -13.30
CA LEU A 247 -7.04 -8.80 -13.20
C LEU A 247 -7.92 -9.10 -14.44
N ARG A 248 -7.33 -9.43 -15.57
CA ARG A 248 -8.16 -9.70 -16.74
C ARG A 248 -8.97 -11.01 -16.62
N GLU A 249 -8.68 -11.83 -15.60
CA GLU A 249 -9.44 -13.04 -15.33
C GLU A 249 -10.37 -12.91 -14.17
N ALA A 250 -10.46 -11.73 -13.61
CA ALA A 250 -11.34 -11.51 -12.47
C ALA A 250 -12.76 -11.61 -12.96
N ASN A 251 -13.68 -11.85 -12.04
CA ASN A 251 -15.05 -12.07 -12.43
C ASN A 251 -15.85 -10.78 -12.61
N LEU A 252 -15.58 -10.05 -13.70
CA LEU A 252 -16.07 -8.70 -13.85
C LEU A 252 -17.31 -8.67 -14.71
N GLY A 253 -17.50 -9.66 -15.60
CA GLY A 253 -18.58 -9.62 -16.62
C GLY A 253 -18.29 -8.67 -17.77
N TRP A 254 -17.04 -8.25 -17.97
CA TRP A 254 -16.76 -7.30 -19.06
C TRP A 254 -16.52 -8.02 -20.42
N SER A 255 -16.59 -7.28 -21.51
CA SER A 255 -16.33 -7.86 -22.83
C SER A 255 -14.83 -7.98 -23.10
N TRP A 256 -14.45 -8.70 -24.16
CA TRP A 256 -13.04 -8.83 -24.51
C TRP A 256 -12.39 -7.44 -24.65
N GLU A 257 -13.06 -6.52 -25.34
CA GLU A 257 -12.47 -5.19 -25.59
C GLU A 257 -12.38 -4.40 -24.28
N GLU A 258 -13.36 -4.54 -23.41
CA GLU A 258 -13.34 -3.81 -22.16
C GLU A 258 -12.16 -4.31 -21.32
N LEU A 259 -12.00 -5.62 -21.28
CA LEU A 259 -10.93 -6.23 -20.50
C LEU A 259 -9.58 -5.83 -21.09
N THR A 260 -9.48 -5.88 -22.39
CA THR A 260 -8.20 -5.55 -23.05
C THR A 260 -7.79 -4.08 -22.81
N ARG A 261 -8.74 -3.17 -22.87
CA ARG A 261 -8.41 -1.77 -22.71
C ARG A 261 -8.09 -1.47 -21.22
N ALA A 262 -8.66 -2.22 -20.28
CA ALA A 262 -8.35 -2.01 -18.87
C ALA A 262 -7.04 -2.68 -18.40
N PHE A 263 -6.72 -3.83 -19.02
CA PHE A 263 -5.73 -4.72 -18.45
C PHE A 263 -4.66 -5.17 -19.45
N PRO A 264 -3.80 -4.25 -19.87
CA PRO A 264 -2.71 -4.70 -20.72
C PRO A 264 -1.92 -5.80 -20.05
N SER A 265 -1.43 -6.74 -20.86
CA SER A 265 -0.68 -7.84 -20.32
C SER A 265 0.25 -8.36 -21.36
N PRO A 266 1.52 -8.59 -21.02
CA PRO A 266 2.11 -8.39 -19.69
C PRO A 266 2.27 -6.91 -19.40
N PHE A 267 2.55 -6.60 -18.14
CA PHE A 267 2.59 -5.21 -17.67
C PHE A 267 3.70 -5.08 -16.64
N SER A 268 4.09 -3.84 -16.38
CA SER A 268 5.10 -3.55 -15.39
C SER A 268 4.49 -3.36 -14.04
N LEU A 269 4.99 -4.12 -13.06
CA LEU A 269 4.44 -4.17 -11.70
C LEU A 269 4.97 -3.00 -10.85
N THR A 270 4.28 -1.88 -10.91
CA THR A 270 4.71 -0.63 -10.33
C THR A 270 3.63 0.02 -9.42
N VAL A 271 4.04 1.05 -8.70
CA VAL A 271 3.15 1.80 -7.89
C VAL A 271 2.04 2.42 -8.74
N ASP A 272 2.41 2.99 -9.87
CA ASP A 272 1.49 3.65 -10.77
C ASP A 272 0.45 2.63 -11.27
N ALA A 273 0.88 1.41 -11.58
CA ALA A 273 -0.09 0.38 -12.00
C ALA A 273 -1.13 0.11 -10.93
N ALA A 274 -0.70 -0.13 -9.70
CA ALA A 274 -1.67 -0.43 -8.62
C ALA A 274 -2.65 0.74 -8.47
N VAL A 275 -2.11 1.96 -8.46
CA VAL A 275 -2.98 3.10 -8.24
C VAL A 275 -4.02 3.20 -9.35
N GLN A 276 -3.56 3.12 -10.60
CA GLN A 276 -4.46 3.19 -11.74
C GLN A 276 -5.44 2.04 -11.69
N GLN A 277 -5.00 0.88 -11.23
CA GLN A 277 -5.90 -0.27 -11.26
C GLN A 277 -7.07 -0.01 -10.32
N HIS A 278 -6.80 0.73 -9.25
CA HIS A 278 -7.87 1.14 -8.37
C HIS A 278 -8.79 2.20 -9.00
N LEU A 279 -8.19 3.23 -9.59
CA LEU A 279 -8.95 4.31 -10.16
C LEU A 279 -9.87 3.87 -11.30
N MET A 280 -9.46 2.81 -12.02
CA MET A 280 -10.27 2.26 -13.12
C MET A 280 -11.61 1.75 -12.66
N MET A 281 -11.78 1.45 -11.36
CA MET A 281 -13.06 0.94 -10.91
C MET A 281 -14.02 2.06 -10.49
N GLU A 282 -15.21 1.97 -11.03
CA GLU A 282 -16.27 2.89 -10.68
C GLU A 282 -16.55 2.83 -9.16
N GLY A 283 -16.68 3.98 -8.52
CA GLY A 283 -17.06 3.99 -7.11
C GLY A 283 -15.83 3.99 -6.22
N VAL A 284 -14.63 4.03 -6.81
CA VAL A 284 -13.39 4.07 -6.00
C VAL A 284 -12.76 5.46 -6.09
N PRO A 285 -12.98 6.31 -5.08
CA PRO A 285 -12.53 7.72 -5.28
C PRO A 285 -11.05 7.89 -4.97
N SER A 286 -10.39 8.79 -5.68
CA SER A 286 -8.94 8.92 -5.58
C SER A 286 -8.56 9.37 -4.16
N ALA A 287 -9.43 10.14 -3.51
CA ALA A 287 -9.09 10.69 -2.20
C ALA A 287 -8.99 9.58 -1.14
N LYS A 288 -9.53 8.40 -1.44
CA LYS A 288 -9.52 7.32 -0.45
C LYS A 288 -8.29 6.40 -0.65
N ILE A 289 -7.54 6.64 -1.71
CA ILE A 289 -6.42 5.80 -2.09
C ILE A 289 -5.17 6.43 -1.52
N VAL A 290 -4.47 5.67 -0.68
CA VAL A 290 -3.24 6.09 -0.05
C VAL A 290 -2.10 5.19 -0.54
N MET A 291 -1.03 5.83 -0.97
CA MET A 291 0.14 5.13 -1.52
C MET A 291 1.06 4.66 -0.42
N GLY A 292 1.25 3.35 -0.30
CA GLY A 292 2.26 2.82 0.62
C GLY A 292 3.65 3.02 0.09
N VAL A 293 4.61 3.31 0.98
CA VAL A 293 6.04 3.29 0.62
C VAL A 293 6.84 2.53 1.68
N PRO A 294 7.95 1.92 1.29
CA PRO A 294 8.79 1.16 2.20
C PRO A 294 9.83 2.07 2.83
N PHE A 295 9.97 1.97 4.15
CA PHE A 295 11.12 2.57 4.83
C PHE A 295 12.32 1.58 4.97
N TYR A 296 12.40 0.58 4.10
CA TYR A 296 13.43 -0.46 4.21
C TYR A 296 13.80 -0.87 2.80
N GLY A 297 14.98 -1.47 2.64
CA GLY A 297 15.37 -2.04 1.36
C GLY A 297 15.25 -3.55 1.41
N ARG A 298 15.10 -4.16 0.24
CA ARG A 298 15.25 -5.61 0.05
C ARG A 298 16.55 -5.94 -0.68
N ALA A 299 17.34 -6.85 -0.09
CA ALA A 299 18.68 -7.16 -0.57
C ALA A 299 18.70 -8.54 -1.17
N PHE A 300 19.46 -8.64 -2.25
CA PHE A 300 19.69 -9.89 -2.96
C PHE A 300 21.21 -10.12 -3.07
N LYS A 301 21.59 -11.40 -3.02
CA LYS A 301 22.96 -11.79 -3.26
C LYS A 301 23.07 -12.65 -4.51
N GLY A 302 24.30 -12.93 -4.93
CA GLY A 302 24.53 -13.78 -6.12
C GLY A 302 24.17 -13.09 -7.44
N VAL A 303 24.21 -11.77 -7.49
CA VAL A 303 23.81 -11.10 -8.73
C VAL A 303 25.02 -10.89 -9.63
N SER A 304 24.83 -10.89 -10.94
CA SER A 304 25.87 -10.51 -11.90
C SER A 304 25.86 -9.02 -12.31
N GLY A 305 26.89 -8.66 -13.04
CA GLY A 305 27.18 -7.26 -13.35
C GLY A 305 26.51 -6.80 -14.62
N GLY A 306 26.94 -5.64 -15.10
CA GLY A 306 26.41 -5.13 -16.34
C GLY A 306 25.37 -4.04 -16.16
N ASN A 307 24.36 -4.27 -15.33
CA ASN A 307 23.32 -3.26 -15.13
C ASN A 307 23.05 -2.95 -13.66
N GLY A 308 24.12 -2.91 -12.86
CA GLY A 308 24.04 -2.41 -11.51
C GLY A 308 23.35 -3.42 -10.59
N GLY A 309 23.32 -4.69 -11.02
CA GLY A 309 22.59 -5.74 -10.34
C GLY A 309 21.08 -5.72 -10.61
N GLN A 310 20.61 -4.85 -11.49
CA GLN A 310 19.18 -4.89 -11.82
C GLN A 310 18.85 -6.04 -12.79
N TYR A 311 17.74 -6.74 -12.56
CA TYR A 311 17.14 -7.67 -13.54
C TYR A 311 18.05 -8.85 -13.78
N SER A 312 18.69 -9.28 -12.69
CA SER A 312 19.67 -10.36 -12.70
C SER A 312 19.13 -11.56 -11.94
N SER A 313 19.54 -12.76 -12.35
CA SER A 313 19.37 -13.88 -11.49
C SER A 313 20.19 -13.63 -10.22
N HIS A 314 19.93 -14.44 -9.21
CA HIS A 314 20.40 -14.20 -7.85
C HIS A 314 20.24 -15.49 -7.02
N SER A 315 20.82 -15.53 -5.83
CA SER A 315 20.74 -16.72 -4.98
C SER A 315 20.27 -16.40 -3.60
N THR A 316 19.25 -15.59 -3.48
CA THR A 316 18.77 -15.21 -2.19
C THR A 316 17.72 -16.21 -1.75
N PRO A 317 17.94 -16.86 -0.60
CA PRO A 317 16.94 -17.82 -0.10
C PRO A 317 15.61 -17.08 0.17
N GLY A 318 14.48 -17.71 -0.15
CA GLY A 318 13.14 -17.25 0.21
C GLY A 318 12.53 -17.85 1.46
N GLU A 319 13.19 -18.81 2.09
CA GLU A 319 12.59 -19.45 3.26
C GLU A 319 12.49 -18.45 4.44
N ASP A 320 11.53 -18.72 5.31
CA ASP A 320 11.30 -17.97 6.54
C ASP A 320 11.15 -18.99 7.66
N PRO A 321 11.88 -18.82 8.76
CA PRO A 321 12.93 -17.83 8.97
C PRO A 321 14.12 -18.06 8.02
N TYR A 322 15.04 -17.08 7.97
CA TYR A 322 16.18 -17.15 7.07
C TYR A 322 17.00 -18.39 7.49
N PRO A 323 17.41 -19.22 6.53
CA PRO A 323 17.75 -20.59 6.88
C PRO A 323 19.22 -20.89 7.26
N ASN A 324 20.09 -19.90 7.37
CA ASN A 324 21.38 -20.20 8.01
C ASN A 324 21.88 -18.97 8.71
N ALA A 325 23.14 -18.97 9.14
CA ALA A 325 23.70 -17.80 9.85
C ALA A 325 24.70 -17.03 9.00
N ASP A 326 24.67 -17.21 7.69
CA ASP A 326 25.46 -16.36 6.81
C ASP A 326 24.75 -15.00 6.61
N TYR A 327 25.19 -14.00 7.34
CA TYR A 327 24.66 -12.66 7.25
C TYR A 327 25.53 -11.88 6.29
N TRP A 328 25.23 -12.01 5.00
CA TRP A 328 26.13 -11.58 3.92
C TRP A 328 25.88 -10.14 3.50
N LEU A 329 24.92 -9.45 4.12
CA LEU A 329 24.65 -8.07 3.75
C LEU A 329 25.70 -7.19 4.47
N VAL A 330 26.81 -6.96 3.79
CA VAL A 330 28.01 -6.34 4.38
C VAL A 330 27.65 -5.01 4.99
N GLY A 331 28.07 -4.84 6.24
CA GLY A 331 27.88 -3.59 6.96
C GLY A 331 26.52 -3.50 7.64
N CYS A 332 25.62 -4.46 7.44
CA CYS A 332 24.30 -4.38 8.03
C CYS A 332 24.24 -5.00 9.44
N ASP A 333 24.38 -4.17 10.47
CA ASP A 333 24.43 -4.66 11.85
C ASP A 333 23.07 -5.09 12.31
N GLU A 334 22.04 -4.35 11.92
CA GLU A 334 20.66 -4.73 12.23
C GLU A 334 20.28 -6.13 11.69
N CYS A 335 20.88 -6.54 10.57
CA CYS A 335 20.59 -7.86 9.96
C CYS A 335 21.10 -8.97 10.83
N VAL A 336 22.24 -8.73 11.48
CA VAL A 336 22.79 -9.67 12.45
C VAL A 336 21.84 -9.76 13.68
N ARG A 337 21.46 -8.61 14.21
CA ARG A 337 20.52 -8.55 15.34
C ARG A 337 19.25 -9.31 14.97
N ASP A 338 18.72 -9.09 13.77
CA ASP A 338 17.45 -9.70 13.41
C ASP A 338 17.60 -11.02 12.70
N LYS A 339 18.84 -11.50 12.51
CA LYS A 339 19.11 -12.77 11.82
C LYS A 339 18.57 -12.90 10.41
N ASP A 340 18.68 -11.85 9.60
CA ASP A 340 18.15 -11.92 8.25
C ASP A 340 18.80 -10.85 7.42
N PRO A 341 19.59 -11.26 6.43
CA PRO A 341 20.27 -10.27 5.66
C PRO A 341 19.42 -9.72 4.50
N ARG A 342 18.17 -10.14 4.42
CA ARG A 342 17.36 -9.76 3.26
C ARG A 342 16.62 -8.43 3.32
N ILE A 343 16.57 -7.83 4.50
CA ILE A 343 15.82 -6.59 4.72
C ILE A 343 16.77 -5.66 5.48
N ALA A 344 16.91 -4.42 5.02
CA ALA A 344 17.65 -3.41 5.77
C ALA A 344 16.85 -2.10 5.89
N SER A 345 16.69 -1.61 7.11
CA SER A 345 16.06 -0.32 7.34
C SER A 345 16.80 0.75 6.55
N TYR A 346 16.06 1.76 6.10
CA TYR A 346 16.70 2.96 5.50
C TYR A 346 17.80 3.51 6.45
N ARG A 347 17.50 3.50 7.75
CA ARG A 347 18.47 3.88 8.79
C ARG A 347 19.82 3.13 8.62
N GLN A 348 19.75 1.82 8.52
CA GLN A 348 20.92 1.01 8.38
C GLN A 348 21.58 1.29 7.02
N LEU A 349 20.77 1.43 5.98
CA LEU A 349 21.29 1.64 4.65
C LEU A 349 22.11 2.91 4.55
N GLU A 350 21.69 4.00 5.19
CA GLU A 350 22.52 5.21 5.18
C GLU A 350 23.90 4.85 5.70
N GLN A 351 23.97 4.07 6.78
CA GLN A 351 25.24 3.74 7.39
C GLN A 351 26.08 2.86 6.48
N MET A 352 25.44 2.00 5.70
CA MET A 352 26.19 1.06 4.86
C MET A 352 26.85 1.82 3.70
N LEU A 353 26.11 2.79 3.23
CA LEU A 353 26.58 3.64 2.14
C LEU A 353 27.72 4.56 2.62
N GLN A 354 27.66 5.00 3.88
CA GLN A 354 28.60 5.96 4.41
C GLN A 354 29.91 5.27 4.83
N GLY A 355 29.83 4.04 5.33
CA GLY A 355 31.02 3.27 5.68
C GLY A 355 31.72 2.69 4.47
N ASN A 356 32.87 2.07 4.72
CA ASN A 356 33.72 1.47 3.69
C ASN A 356 33.31 0.06 3.39
N TYR A 357 32.08 -0.13 2.93
CA TYR A 357 31.58 -1.47 2.78
C TYR A 357 31.47 -1.90 1.34
N GLY A 358 31.76 -1.00 0.39
CA GLY A 358 31.84 -1.34 -1.04
C GLY A 358 30.59 -1.12 -1.88
N TYR A 359 29.59 -0.40 -1.36
CA TYR A 359 28.34 -0.16 -2.12
C TYR A 359 28.41 1.12 -2.97
N GLN A 360 27.81 1.11 -4.14
CA GLN A 360 27.44 2.35 -4.83
C GLN A 360 25.95 2.60 -4.85
N ARG A 361 25.54 3.84 -4.66
CA ARG A 361 24.18 4.26 -4.85
C ARG A 361 23.94 4.62 -6.28
N LEU A 362 23.02 3.93 -6.92
CA LEU A 362 22.69 4.17 -8.31
C LEU A 362 21.24 4.65 -8.34
N TRP A 363 20.79 5.14 -9.48
CA TRP A 363 19.47 5.78 -9.61
C TRP A 363 18.91 5.33 -10.92
N ASN A 364 17.70 4.79 -10.94
CA ASN A 364 17.10 4.43 -12.19
C ASN A 364 16.14 5.55 -12.55
N ASP A 365 16.40 6.22 -13.67
CA ASP A 365 15.62 7.41 -14.03
C ASP A 365 14.24 7.09 -14.68
N LYS A 366 13.99 5.82 -14.97
CA LYS A 366 12.67 5.39 -15.42
C LYS A 366 11.76 5.10 -14.21
N THR A 367 12.25 4.28 -13.28
CA THR A 367 11.49 3.91 -12.10
C THR A 367 11.43 5.01 -11.03
N LYS A 368 12.39 5.94 -11.11
CA LYS A 368 12.55 7.03 -10.15
C LYS A 368 12.81 6.49 -8.77
N THR A 369 13.59 5.42 -8.72
CA THR A 369 14.00 4.81 -7.44
C THR A 369 15.50 4.54 -7.43
N PRO A 370 16.09 4.59 -6.23
CA PRO A 370 17.49 4.30 -5.99
C PRO A 370 17.75 2.84 -5.76
N TYR A 371 19.01 2.46 -5.84
CA TYR A 371 19.40 1.11 -5.54
C TYR A 371 20.87 1.04 -5.19
N LEU A 372 21.23 0.10 -4.32
CA LEU A 372 22.63 -0.11 -3.99
C LEU A 372 23.12 -1.29 -4.80
N TYR A 373 24.36 -1.19 -5.28
CA TYR A 373 25.05 -2.25 -5.96
C TYR A 373 26.44 -2.44 -5.33
N HIS A 374 26.72 -3.69 -4.95
CA HIS A 374 28.01 -4.12 -4.43
C HIS A 374 28.67 -4.93 -5.50
N ALA A 375 29.53 -4.29 -6.28
CA ALA A 375 30.18 -4.92 -7.46
C ALA A 375 31.00 -6.14 -7.05
N GLN A 376 31.71 -6.06 -5.94
CA GLN A 376 32.62 -7.12 -5.63
C GLN A 376 31.91 -8.41 -5.15
N ASN A 377 30.92 -8.29 -4.28
CA ASN A 377 30.24 -9.49 -3.76
C ASN A 377 29.03 -9.94 -4.54
N GLY A 378 28.54 -9.09 -5.45
CA GLY A 378 27.33 -9.38 -6.21
C GLY A 378 26.09 -9.17 -5.34
N LEU A 379 25.92 -7.96 -4.79
CA LEU A 379 24.73 -7.57 -4.03
C LEU A 379 23.95 -6.45 -4.69
N PHE A 380 22.63 -6.58 -4.60
CA PHE A 380 21.66 -5.57 -5.09
C PHE A 380 20.63 -5.31 -3.99
N VAL A 381 20.39 -4.04 -3.73
CA VAL A 381 19.40 -3.57 -2.76
C VAL A 381 18.45 -2.54 -3.38
N THR A 382 17.14 -2.76 -3.21
CA THR A 382 16.09 -1.91 -3.76
C THR A 382 15.37 -1.25 -2.56
N TYR A 383 15.34 0.07 -2.56
CA TYR A 383 14.82 0.86 -1.43
C TYR A 383 14.30 2.18 -1.94
N ASP A 384 13.75 2.99 -1.03
CA ASP A 384 13.29 4.30 -1.35
C ASP A 384 14.03 5.32 -0.46
N ASP A 385 14.15 6.55 -0.94
CA ASP A 385 14.76 7.60 -0.17
C ASP A 385 14.05 8.95 -0.39
N ALA A 386 14.63 10.03 0.14
CA ALA A 386 14.00 11.33 0.05
C ALA A 386 13.88 11.82 -1.39
N GLU A 387 14.76 11.37 -2.29
CA GLU A 387 14.65 11.67 -3.71
C GLU A 387 13.49 10.94 -4.35
N SER A 388 13.37 9.62 -4.12
CA SER A 388 12.26 8.91 -4.76
C SER A 388 10.93 9.43 -4.27
N PHE A 389 10.90 9.90 -3.04
CA PHE A 389 9.68 10.39 -2.43
C PHE A 389 9.20 11.72 -3.06
N LYS A 390 10.08 12.46 -3.71
CA LYS A 390 9.65 13.67 -4.40
C LYS A 390 8.72 13.31 -5.54
N TYR A 391 9.07 12.27 -6.28
CA TYR A 391 8.28 11.89 -7.41
C TYR A 391 6.96 11.26 -6.96
N LYS A 392 7.02 10.43 -5.93
CA LYS A 392 5.85 9.80 -5.40
C LYS A 392 4.89 10.83 -4.80
N ALA A 393 5.43 11.84 -4.15
CA ALA A 393 4.59 12.87 -3.61
C ALA A 393 3.99 13.71 -4.72
N LYS A 394 4.78 13.96 -5.77
CA LYS A 394 4.22 14.71 -6.86
C LYS A 394 3.08 13.91 -7.48
N TYR A 395 3.30 12.61 -7.66
CA TYR A 395 2.26 11.76 -8.20
C TYR A 395 1.02 11.73 -7.31
N ILE A 396 1.21 11.72 -5.98
CA ILE A 396 0.08 11.77 -5.04
C ILE A 396 -0.77 13.04 -5.20
N LYS A 397 -0.11 14.18 -5.29
CA LYS A 397 -0.77 15.43 -5.64
C LYS A 397 -1.50 15.42 -7.00
N GLN A 398 -0.79 15.06 -8.06
CA GLN A 398 -1.35 15.12 -9.40
C GLN A 398 -2.53 14.21 -9.53
N GLN A 399 -2.46 13.00 -8.96
CA GLN A 399 -3.58 12.06 -9.04
C GLN A 399 -4.64 12.28 -7.97
N GLN A 400 -4.46 13.25 -7.08
CA GLN A 400 -5.46 13.53 -6.01
C GLN A 400 -5.75 12.31 -5.12
N LEU A 401 -4.68 11.62 -4.79
CA LEU A 401 -4.74 10.58 -3.81
C LEU A 401 -4.88 11.15 -2.41
N GLY A 402 -5.26 10.28 -1.49
CA GLY A 402 -5.50 10.70 -0.13
C GLY A 402 -4.23 10.97 0.65
N GLY A 403 -3.13 10.35 0.27
CA GLY A 403 -1.91 10.50 1.07
C GLY A 403 -0.94 9.38 0.92
N VAL A 404 -0.14 9.16 1.98
CA VAL A 404 0.97 8.22 1.96
C VAL A 404 0.93 7.40 3.23
N MET A 405 1.21 6.11 3.11
CA MET A 405 1.38 5.21 4.28
C MET A 405 2.81 4.63 4.16
N PHE A 406 3.39 4.21 5.27
CA PHE A 406 4.73 3.60 5.22
C PHE A 406 4.95 2.62 6.34
N TRP A 407 5.69 1.56 5.99
CA TRP A 407 6.13 0.52 6.94
C TRP A 407 7.64 0.63 7.00
N HIS A 408 8.23 0.88 8.18
CA HIS A 408 7.55 1.29 9.41
C HIS A 408 8.45 2.34 10.10
N LEU A 409 7.93 2.97 11.15
CA LEU A 409 8.53 4.19 11.74
C LEU A 409 9.95 3.96 12.29
N GLY A 410 10.15 2.77 12.87
CA GLY A 410 11.45 2.35 13.38
C GLY A 410 12.54 2.29 12.33
N GLN A 411 12.17 2.30 11.07
CA GLN A 411 13.14 2.17 10.03
C GLN A 411 13.61 3.50 9.45
N ASP A 412 12.90 4.58 9.79
CA ASP A 412 13.40 5.92 9.50
C ASP A 412 14.76 6.07 10.19
N ASN A 413 15.59 6.97 9.67
CA ASN A 413 16.81 7.32 10.38
C ASN A 413 16.46 8.09 11.64
N ARG A 414 17.44 8.23 12.50
CA ARG A 414 17.28 8.82 13.81
C ARG A 414 16.70 10.25 13.76
N ASN A 415 17.11 11.07 12.80
CA ASN A 415 16.48 12.36 12.65
C ASN A 415 15.16 12.33 11.93
N GLY A 416 14.66 11.15 11.57
CA GLY A 416 13.38 11.08 10.90
C GLY A 416 13.33 11.83 9.58
N ASP A 417 14.40 11.75 8.80
CA ASP A 417 14.44 12.50 7.54
C ASP A 417 13.39 12.06 6.49
N LEU A 418 13.03 10.77 6.45
CA LEU A 418 12.07 10.32 5.43
C LEU A 418 10.68 10.92 5.68
N LEU A 419 10.26 10.89 6.94
CA LEU A 419 8.99 11.44 7.37
C LEU A 419 8.98 12.94 7.13
N ALA A 420 10.06 13.59 7.55
CA ALA A 420 10.20 15.05 7.37
C ALA A 420 10.06 15.38 5.90
N ALA A 421 10.68 14.58 5.04
CA ALA A 421 10.63 14.86 3.62
C ALA A 421 9.23 14.72 3.06
N LEU A 422 8.53 13.65 3.43
CA LEU A 422 7.15 13.54 2.98
C LEU A 422 6.31 14.74 3.46
N ASP A 423 6.48 15.12 4.72
CA ASP A 423 5.76 16.26 5.26
C ASP A 423 6.08 17.54 4.51
N ARG A 424 7.34 17.72 4.13
CA ARG A 424 7.74 18.88 3.34
C ARG A 424 7.17 18.87 1.92
N TYR A 425 7.20 17.75 1.24
CA TYR A 425 6.73 17.78 -0.16
C TYR A 425 5.24 18.11 -0.22
N PHE A 426 4.52 17.85 0.87
CA PHE A 426 3.09 18.10 0.89
C PHE A 426 2.72 19.46 1.50
N ASN A 427 3.43 19.90 2.54
CA ASN A 427 2.97 21.05 3.32
C ASN A 427 3.90 22.27 3.36
N ALA A 428 5.16 22.15 2.97
CA ALA A 428 6.09 23.29 3.06
C ALA A 428 5.70 24.35 2.04
N ALA A 429 5.45 25.57 2.50
CA ALA A 429 5.13 26.69 1.61
C ALA A 429 6.21 26.91 0.57
N ASP A 430 7.46 26.73 0.96
CA ASP A 430 8.60 27.00 0.08
C ASP A 430 9.09 25.84 -0.79
N TYR A 431 8.42 24.68 -0.79
CA TYR A 431 8.86 23.56 -1.63
C TYR A 431 8.10 23.62 -2.95
N ASP A 432 8.80 23.52 -4.06
CA ASP A 432 8.16 23.64 -5.37
C ASP A 432 8.56 22.46 -6.22
N ASP A 433 7.61 21.66 -6.67
CA ASP A 433 7.93 20.54 -7.57
C ASP A 433 7.28 20.72 -8.95
N SER A 434 6.88 21.94 -9.27
CA SER A 434 6.17 22.21 -10.52
C SER A 434 7.07 21.93 -11.71
N GLN A 435 8.38 21.94 -11.51
CA GLN A 435 9.29 21.61 -12.62
C GLN A 435 9.94 20.25 -12.46
N LEU A 436 9.63 19.55 -11.38
CA LEU A 436 10.16 18.20 -11.22
C LEU A 436 9.72 17.28 -12.40
N ASP A 437 10.68 16.72 -13.11
CA ASP A 437 10.39 16.00 -14.35
C ASP A 437 10.08 14.55 -14.02
N MET A 438 8.90 14.06 -14.40
CA MET A 438 8.44 12.75 -13.93
C MET A 438 8.96 11.60 -14.81
N GLY A 439 9.73 11.95 -15.85
CA GLY A 439 10.49 10.94 -16.61
C GLY A 439 9.70 10.32 -17.74
N THR A 440 10.33 9.41 -18.48
CA THR A 440 9.62 8.71 -19.57
C THR A 440 9.46 7.23 -19.24
N GLY A 441 9.48 6.87 -17.96
CA GLY A 441 9.13 5.52 -17.58
C GLY A 441 7.75 5.13 -18.11
N LEU A 442 7.50 3.84 -18.14
CA LEU A 442 6.24 3.31 -18.62
C LEU A 442 5.10 3.61 -17.68
N ARG A 443 4.10 4.33 -18.17
CA ARG A 443 2.83 4.47 -17.45
C ARG A 443 1.95 3.27 -17.68
N TYR A 444 1.12 2.96 -16.69
CA TYR A 444 0.03 1.99 -16.88
C TYR A 444 -1.07 2.70 -17.63
N THR A 445 -1.48 2.15 -18.77
CA THR A 445 -2.36 2.83 -19.71
C THR A 445 -3.80 2.32 -19.63
N GLY A 446 -4.10 1.38 -18.73
CA GLY A 446 -5.42 0.80 -18.69
C GLY A 446 -6.47 1.86 -18.49
N VAL A 447 -7.63 1.73 -19.13
CA VAL A 447 -8.77 2.58 -18.82
C VAL A 447 -9.96 1.69 -18.51
N GLY A 448 -10.73 2.11 -17.50
CA GLY A 448 -11.93 1.40 -17.08
C GLY A 448 -13.01 2.40 -16.75
N PRO A 449 -14.17 1.92 -16.32
CA PRO A 449 -15.35 2.80 -16.12
C PRO A 449 -15.13 3.94 -15.13
N GLY A 450 -14.20 3.75 -14.18
CA GLY A 450 -13.94 4.75 -13.15
C GLY A 450 -12.99 5.85 -13.54
N ASN A 451 -12.27 5.73 -14.65
CA ASN A 451 -11.26 6.70 -14.99
C ASN A 451 -11.27 7.07 -16.46
N LEU A 452 -12.43 7.29 -17.03
CA LEU A 452 -12.52 7.65 -18.44
C LEU A 452 -11.90 9.04 -18.70
N PRO A 453 -11.01 9.13 -19.70
CA PRO A 453 -10.46 10.46 -20.00
C PRO A 453 -11.52 11.39 -20.58
N ILE A 454 -11.33 12.69 -20.41
CA ILE A 454 -12.16 13.69 -21.08
C ILE A 454 -11.82 13.71 -22.56
N MET A 455 -12.84 13.67 -23.41
CA MET A 455 -12.63 13.65 -24.86
C MET A 455 -13.68 14.50 -25.57
N THR A 456 -13.38 14.82 -26.83
CA THR A 456 -14.35 15.46 -27.70
C THR A 456 -14.48 14.61 -28.94
N ALA A 457 -15.64 14.64 -29.57
CA ALA A 457 -15.75 14.09 -30.90
C ALA A 457 -17.01 14.59 -31.54
N PRO A 458 -17.06 14.55 -32.87
CA PRO A 458 -18.32 14.92 -33.49
C PRO A 458 -19.51 14.18 -32.93
N ALA A 459 -20.64 14.84 -32.87
CA ALA A 459 -21.82 14.19 -32.41
C ALA A 459 -22.26 13.03 -33.33
N TYR A 460 -22.77 11.98 -32.69
CA TYR A 460 -23.34 10.86 -33.37
C TYR A 460 -24.43 11.39 -34.26
N VAL A 461 -24.52 10.87 -35.48
CA VAL A 461 -25.63 11.20 -36.40
C VAL A 461 -26.35 9.95 -36.90
N PRO A 462 -27.63 9.84 -36.60
CA PRO A 462 -28.38 8.68 -37.05
C PRO A 462 -28.37 8.58 -38.57
N GLY A 463 -28.36 7.36 -39.10
CA GLY A 463 -28.29 7.10 -40.53
C GLY A 463 -26.88 7.06 -41.09
N THR A 464 -25.88 7.50 -40.32
CA THR A 464 -24.51 7.46 -40.79
C THR A 464 -23.84 6.09 -40.61
N THR A 465 -23.04 5.69 -41.59
CA THR A 465 -22.30 4.43 -41.49
C THR A 465 -20.94 4.71 -40.92
N TYR A 466 -20.65 4.13 -39.76
CA TYR A 466 -19.39 4.37 -39.11
C TYR A 466 -18.43 3.20 -39.33
N ALA A 467 -17.25 3.52 -39.83
CA ALA A 467 -16.16 2.54 -39.97
C ALA A 467 -15.54 2.21 -38.59
N GLN A 468 -14.84 1.09 -38.53
CA GLN A 468 -14.11 0.68 -37.38
C GLN A 468 -13.25 1.79 -36.87
N GLY A 469 -13.30 2.04 -35.57
CA GLY A 469 -12.40 3.03 -34.99
C GLY A 469 -12.95 4.44 -35.01
N ALA A 470 -14.10 4.67 -35.67
CA ALA A 470 -14.74 5.98 -35.62
C ALA A 470 -15.15 6.37 -34.19
N LEU A 471 -14.96 7.64 -33.87
CA LEU A 471 -15.31 8.21 -32.57
C LEU A 471 -16.47 9.19 -32.69
N VAL A 472 -17.49 9.02 -31.89
CA VAL A 472 -18.58 9.97 -31.81
C VAL A 472 -18.89 10.35 -30.38
N SER A 473 -19.68 11.41 -30.22
CA SER A 473 -20.13 11.83 -28.91
C SER A 473 -21.63 11.65 -28.81
N TYR A 474 -22.11 11.23 -27.65
CA TYR A 474 -23.50 10.85 -27.51
C TYR A 474 -23.82 10.67 -26.03
N GLN A 475 -24.83 11.41 -25.58
CA GLN A 475 -25.38 11.31 -24.23
C GLN A 475 -24.36 11.35 -23.15
N GLY A 476 -23.44 12.30 -23.26
CA GLY A 476 -22.45 12.55 -22.23
C GLY A 476 -21.10 11.94 -22.50
N TYR A 477 -21.04 10.99 -23.44
CA TYR A 477 -19.80 10.22 -23.63
C TYR A 477 -19.26 10.24 -25.04
N VAL A 478 -17.99 9.88 -25.15
CA VAL A 478 -17.40 9.62 -26.44
C VAL A 478 -17.22 8.13 -26.60
N TRP A 479 -17.77 7.63 -27.70
CA TRP A 479 -17.89 6.24 -28.00
C TRP A 479 -17.06 5.90 -29.26
N GLN A 480 -16.62 4.64 -29.36
CA GLN A 480 -15.78 4.21 -30.47
C GLN A 480 -16.30 2.92 -31.03
N THR A 481 -16.43 2.81 -32.36
CA THR A 481 -16.92 1.55 -32.99
C THR A 481 -15.83 0.48 -32.85
N LYS A 482 -16.23 -0.72 -32.47
CA LYS A 482 -15.33 -1.84 -32.31
C LYS A 482 -15.05 -2.49 -33.69
N TRP A 483 -16.05 -2.42 -34.58
CA TRP A 483 -15.88 -2.84 -35.98
C TRP A 483 -16.71 -1.92 -36.87
N GLY A 484 -16.69 -2.13 -38.18
CA GLY A 484 -17.53 -1.36 -39.09
C GLY A 484 -18.32 -2.28 -40.01
N TYR A 485 -19.40 -1.81 -40.67
CA TYR A 485 -19.93 -0.46 -40.53
C TYR A 485 -21.09 -0.46 -39.56
N ILE A 486 -21.06 0.46 -38.62
CA ILE A 486 -22.11 0.49 -37.58
C ILE A 486 -23.07 1.64 -37.84
N THR A 487 -24.36 1.41 -37.63
CA THR A 487 -25.32 2.51 -37.63
C THR A 487 -26.16 2.68 -36.35
N SER A 488 -25.98 1.81 -35.37
CA SER A 488 -26.79 1.79 -34.14
C SER A 488 -26.38 2.93 -33.24
N ALA A 489 -27.31 3.43 -32.43
CA ALA A 489 -26.99 4.49 -31.45
C ALA A 489 -25.95 3.98 -30.43
N PRO A 490 -24.87 4.73 -30.19
CA PRO A 490 -23.92 4.24 -29.19
C PRO A 490 -24.61 3.85 -27.89
N GLY A 491 -24.27 2.67 -27.38
CA GLY A 491 -24.76 2.21 -26.07
C GLY A 491 -25.93 1.27 -26.19
N SER A 492 -26.47 1.11 -27.40
CA SER A 492 -27.71 0.38 -27.61
C SER A 492 -27.48 -1.07 -27.93
N ASP A 493 -26.25 -1.42 -28.30
CA ASP A 493 -25.89 -2.80 -28.57
C ASP A 493 -24.37 -2.98 -28.31
N SER A 494 -23.79 -4.08 -28.76
CA SER A 494 -22.40 -4.29 -28.37
C SER A 494 -21.36 -3.66 -29.29
N ALA A 495 -21.75 -2.92 -30.33
CA ALA A 495 -20.79 -2.51 -31.36
C ALA A 495 -19.93 -1.33 -30.91
N TRP A 496 -20.41 -0.61 -29.89
CA TRP A 496 -19.78 0.62 -29.43
C TRP A 496 -19.12 0.46 -28.08
N LEU A 497 -17.91 1.00 -27.99
CA LEU A 497 -17.13 0.99 -26.76
C LEU A 497 -17.16 2.40 -26.17
N LYS A 498 -17.57 2.53 -24.93
CA LYS A 498 -17.46 3.80 -24.26
C LYS A 498 -16.00 4.10 -23.92
N VAL A 499 -15.33 5.00 -24.66
CA VAL A 499 -13.91 5.31 -24.41
C VAL A 499 -13.64 6.61 -23.63
N GLY A 500 -14.60 7.53 -23.56
CA GLY A 500 -14.31 8.80 -22.89
C GLY A 500 -15.56 9.53 -22.42
N ARG A 501 -15.35 10.62 -21.68
CA ARG A 501 -16.48 11.42 -21.18
C ARG A 501 -16.35 12.86 -21.69
N LEU A 502 -17.51 13.46 -21.91
CA LEU A 502 -17.57 14.74 -22.55
C LEU A 502 -16.97 15.80 -21.66
N ALA A 503 -15.90 16.36 -22.20
CA ALA A 503 -15.70 17.79 -22.25
C ALA A 503 -16.81 18.44 -21.39
#